data_8E7F
#
_entry.id   8E7F
#
_cell.length_a   47.482
_cell.length_b   55.356
_cell.length_c   61.883
_cell.angle_alpha   91.520
_cell.angle_beta   93.040
_cell.angle_gamma   102.760
#
_symmetry.space_group_name_H-M   'P 1'
#
loop_
_entity.id
_entity.type
_entity.pdbx_description
1 polymer 'Extracellular serine protease'
2 non-polymer DI(HYDROXYETHYL)ETHER
3 non-polymer GLYCEROL
4 non-polymer 'IODIDE ION'
5 non-polymer 'CALCIUM ION'
6 water water
#
_entity_poly.entity_id   1
_entity_poly.type   'polypeptide(L)'
_entity_poly.pdbx_seq_one_letter_code
;AYQDPGRLGAPDSWKTAEFNRQWGLEAISAEFAYARGYTGKGITIGVIDNAILSHSEFSGKLTRLDNGSYNFSYDKQDNM
SFGDHGTHVAGIAAAKRDGAGMHGVAFDADIIGTKLNDYGNRNGREELIQSAARVINNSWGIAPDIRRDAKGDIIWLPNG
RPDYVAFVKSEVIAEMMRSKSSVEWGSEQPVPTGGHSAMSTLLRAARHGKLIVFSAGNYNNYNIPEAQKSLPYAFPDVLN
NYLIVTNLSDENQLSVSSTSCGQTASYCVSAPGSDIYSTVGRLESNTGGAVNREAYNKGELSLNPGYGNKSGTSMAAPHV
TGVAAVLMQRFPYMSADQISAVIKTTATDLGVAGIDNLFGWGRVNLRDAINGPKMFITKEDIPQEYYVPGSYSEKQFVVN
IPGLGNIVEPGTPVERRCTSSECSFDSWSNDISGHGGLTKTGAGTLALLGNNTYRGDTWVKQGVLAIDGSVASNVYIENS
GTLSGEGTVGAFRAARSGSVAPGNGIGTLHVLHDAIFDRGSQYNVEVADNGRSDKIAARRAFLNGGSVNVSLERSQNLLS
QNEAQSLLGNKYTILTTTDGVTGRFENANPSYPFVKVALDYRGNDVGLGITRTDASFD
;
_entity_poly.pdbx_strand_id   A
#
loop_
_chem_comp.id
_chem_comp.type
_chem_comp.name
_chem_comp.formula
CA non-polymer 'CALCIUM ION' 'Ca 2'
GOL non-polymer GLYCEROL 'C3 H8 O3'
IOD non-polymer 'IODIDE ION' 'I -1'
PEG non-polymer DI(HYDROXYETHYL)ETHER 'C4 H10 O3'
#
# COMPACT_ATOMS: atom_id res chain seq x y z
N TYR A 2 -22.81 9.84 19.74
CA TYR A 2 -22.77 10.27 18.32
C TYR A 2 -23.34 9.15 17.45
N GLN A 3 -24.38 9.45 16.66
CA GLN A 3 -24.98 8.53 15.65
C GLN A 3 -24.39 8.90 14.28
N ASP A 4 -23.39 8.14 13.82
CA ASP A 4 -22.63 8.45 12.57
C ASP A 4 -23.59 8.23 11.40
N PRO A 5 -23.86 9.26 10.54
CA PRO A 5 -24.62 9.05 9.31
C PRO A 5 -23.86 8.39 8.15
N GLY A 6 -22.56 8.12 8.32
CA GLY A 6 -21.76 7.38 7.33
C GLY A 6 -22.34 5.99 7.07
N ARG A 7 -22.50 5.63 5.80
N ARG A 7 -22.48 5.63 5.79
CA ARG A 7 -23.08 4.33 5.41
CA ARG A 7 -23.11 4.35 5.38
C ARG A 7 -22.28 3.69 4.28
C ARG A 7 -22.28 3.69 4.28
N LEU A 8 -22.01 2.39 4.41
CA LEU A 8 -21.37 1.55 3.35
C LEU A 8 -22.11 1.75 2.04
N GLY A 9 -21.39 2.07 0.97
CA GLY A 9 -21.93 2.20 -0.39
C GLY A 9 -22.32 3.62 -0.74
N ALA A 10 -22.20 4.57 0.21
CA ALA A 10 -22.67 5.96 0.07
C ALA A 10 -21.55 6.96 0.41
N PRO A 11 -20.58 7.20 -0.50
CA PRO A 11 -19.49 8.14 -0.25
C PRO A 11 -19.92 9.53 0.26
N ASP A 12 -21.05 10.07 -0.24
CA ASP A 12 -21.53 11.42 0.17
C ASP A 12 -22.07 11.38 1.61
N SER A 13 -22.49 10.23 2.13
CA SER A 13 -22.99 10.13 3.52
C SER A 13 -21.88 10.49 4.51
N TRP A 14 -20.61 10.36 4.10
CA TRP A 14 -19.45 10.56 5.01
C TRP A 14 -19.05 12.05 5.08
N LYS A 15 -19.54 12.88 4.16
CA LYS A 15 -19.16 14.31 4.03
C LYS A 15 -19.97 15.14 5.05
N THR A 16 -19.77 14.88 6.33
CA THR A 16 -20.46 15.57 7.43
C THR A 16 -19.71 16.86 7.76
N ALA A 17 -20.28 17.69 8.63
CA ALA A 17 -19.65 18.96 9.08
C ALA A 17 -18.26 18.65 9.65
N GLU A 18 -18.12 17.62 10.48
CA GLU A 18 -16.83 17.18 11.05
C GLU A 18 -15.84 16.92 9.91
N PHE A 19 -16.23 16.10 8.93
CA PHE A 19 -15.43 15.69 7.75
C PHE A 19 -14.99 16.92 6.96
N ASN A 20 -15.93 17.84 6.73
CA ASN A 20 -15.74 19.00 5.83
C ASN A 20 -14.85 20.05 6.50
N ARG A 21 -14.67 20.04 7.81
CA ARG A 21 -13.79 21.02 8.52
C ARG A 21 -12.31 20.80 8.16
N GLN A 22 -11.94 19.66 7.55
CA GLN A 22 -10.53 19.34 7.15
C GLN A 22 -10.48 19.05 5.65
N TRP A 23 -10.23 20.07 4.81
CA TRP A 23 -10.37 20.02 3.33
C TRP A 23 -9.51 18.93 2.70
N GLY A 24 -8.37 18.58 3.32
CA GLY A 24 -7.49 17.50 2.83
C GLY A 24 -8.20 16.18 2.64
N LEU A 25 -9.21 15.87 3.45
CA LEU A 25 -9.92 14.56 3.39
C LEU A 25 -10.60 14.41 2.03
N GLU A 26 -11.44 15.37 1.64
CA GLU A 26 -12.07 15.40 0.30
C GLU A 26 -10.99 15.39 -0.79
N ALA A 27 -9.87 16.10 -0.62
CA ALA A 27 -8.84 16.23 -1.68
C ALA A 27 -8.17 14.88 -1.98
N ILE A 28 -8.08 13.97 -1.00
CA ILE A 28 -7.49 12.60 -1.18
C ILE A 28 -8.59 11.54 -1.34
N SER A 29 -9.86 11.96 -1.36
CA SER A 29 -11.05 11.10 -1.64
C SER A 29 -11.20 10.03 -0.55
N ALA A 30 -10.96 10.40 0.71
CA ALA A 30 -11.06 9.54 1.90
C ALA A 30 -12.46 8.92 2.02
N GLU A 31 -13.52 9.63 1.63
CA GLU A 31 -14.92 9.14 1.73
C GLU A 31 -15.13 7.86 0.92
N PHE A 32 -14.37 7.62 -0.15
CA PHE A 32 -14.55 6.40 -0.97
C PHE A 32 -14.03 5.19 -0.20
N ALA A 33 -12.99 5.35 0.61
CA ALA A 33 -12.46 4.26 1.48
C ALA A 33 -13.48 3.97 2.57
N TYR A 34 -14.02 5.00 3.22
CA TYR A 34 -15.02 4.85 4.32
C TYR A 34 -16.24 4.09 3.81
N ALA A 35 -16.72 4.44 2.61
CA ALA A 35 -17.92 3.85 1.99
C ALA A 35 -17.72 2.37 1.70
N ARG A 36 -16.47 1.91 1.59
CA ARG A 36 -16.14 0.47 1.37
C ARG A 36 -15.73 -0.19 2.69
N GLY A 37 -15.82 0.53 3.82
CA GLY A 37 -15.58 0.00 5.18
C GLY A 37 -14.14 0.12 5.66
N TYR A 38 -13.33 1.01 5.06
CA TYR A 38 -11.88 1.11 5.39
C TYR A 38 -11.57 2.44 6.11
N THR A 39 -11.25 2.32 7.41
CA THR A 39 -11.11 3.47 8.34
C THR A 39 -9.80 3.38 9.13
N GLY A 40 -9.00 2.35 8.92
CA GLY A 40 -7.76 2.11 9.67
C GLY A 40 -8.02 1.35 10.95
N LYS A 41 -9.17 0.67 11.04
CA LYS A 41 -9.55 -0.10 12.25
C LYS A 41 -8.60 -1.28 12.43
N GLY A 42 -8.03 -1.39 13.62
CA GLY A 42 -7.08 -2.47 13.99
C GLY A 42 -5.67 -2.11 13.59
N ILE A 43 -5.44 -0.88 13.15
CA ILE A 43 -4.08 -0.45 12.73
C ILE A 43 -3.52 0.54 13.75
N THR A 44 -2.25 0.37 14.08
CA THR A 44 -1.50 1.26 14.97
C THR A 44 -0.49 2.07 14.16
N ILE A 45 -0.55 3.38 14.34
CA ILE A 45 0.38 4.39 13.75
C ILE A 45 1.33 4.84 14.86
N GLY A 46 2.60 5.03 14.51
CA GLY A 46 3.62 5.63 15.37
C GLY A 46 3.87 7.06 14.95
N VAL A 47 4.15 7.92 15.94
CA VAL A 47 4.50 9.35 15.71
C VAL A 47 5.77 9.66 16.51
N ILE A 48 6.77 10.21 15.83
CA ILE A 48 7.97 10.81 16.45
C ILE A 48 7.84 12.31 16.23
N ASP A 49 7.51 13.04 17.30
CA ASP A 49 7.27 14.51 17.27
C ASP A 49 7.20 15.04 18.70
N ASN A 50 6.70 16.25 18.89
CA ASN A 50 6.34 16.78 20.23
C ASN A 50 5.38 15.78 20.88
N ALA A 51 5.45 15.67 22.21
CA ALA A 51 4.49 14.86 22.99
C ALA A 51 3.07 15.26 22.58
N ILE A 52 2.25 14.28 22.20
CA ILE A 52 0.83 14.50 21.81
C ILE A 52 0.02 14.78 23.09
N LEU A 53 -0.77 15.84 23.06
CA LEU A 53 -1.68 16.23 24.16
C LEU A 53 -2.77 15.17 24.34
N SER A 54 -3.08 14.82 25.59
CA SER A 54 -4.30 14.08 25.98
C SER A 54 -5.38 15.05 25.54
N HIS A 55 -6.14 14.63 24.53
CA HIS A 55 -7.17 15.43 23.85
C HIS A 55 -8.31 14.43 23.73
N SER A 56 -9.56 14.89 23.86
CA SER A 56 -10.79 14.11 23.58
C SER A 56 -10.65 13.33 22.28
N GLU A 57 -10.01 13.92 21.27
CA GLU A 57 -9.96 13.37 19.89
C GLU A 57 -9.14 12.08 19.88
N PHE A 58 -8.33 11.83 20.89
CA PHE A 58 -7.49 10.62 21.03
C PHE A 58 -7.90 9.76 22.23
N SER A 59 -9.01 10.04 22.92
CA SER A 59 -9.33 9.33 24.19
C SER A 59 -9.56 7.85 23.88
N GLY A 60 -8.82 6.97 24.56
CA GLY A 60 -8.91 5.51 24.40
C GLY A 60 -8.04 4.97 23.28
N LYS A 61 -7.31 5.81 22.53
CA LYS A 61 -6.58 5.33 21.33
C LYS A 61 -5.13 5.83 21.31
N LEU A 62 -4.64 6.42 22.38
CA LEU A 62 -3.28 7.03 22.41
C LEU A 62 -2.45 6.39 23.53
N THR A 63 -1.27 5.93 23.18
CA THR A 63 -0.21 5.49 24.08
C THR A 63 1.00 6.38 23.84
N ARG A 64 1.56 6.96 24.89
CA ARG A 64 2.85 7.69 24.81
C ARG A 64 3.91 6.83 25.49
N LEU A 65 5.06 6.69 24.83
CA LEU A 65 6.28 6.03 25.37
C LEU A 65 7.34 7.11 25.53
N ASP A 66 7.35 7.77 26.68
CA ASP A 66 8.20 8.96 26.90
C ASP A 66 8.59 9.07 28.38
N ASN A 67 9.24 10.17 28.72
CA ASN A 67 9.75 10.47 30.08
C ASN A 67 8.68 11.21 30.89
N GLY A 68 7.42 11.21 30.45
CA GLY A 68 6.27 11.67 31.25
C GLY A 68 6.09 13.19 31.31
N SER A 69 6.83 13.99 30.54
CA SER A 69 6.60 15.45 30.42
C SER A 69 6.21 15.83 28.98
N TYR A 70 5.38 16.86 28.84
CA TYR A 70 5.12 17.49 27.51
C TYR A 70 6.32 18.33 27.08
N ASN A 71 6.39 18.65 25.78
CA ASN A 71 7.40 19.57 25.19
C ASN A 71 6.93 21.02 25.31
N PHE A 72 7.81 21.86 25.86
CA PHE A 72 7.61 23.31 26.08
C PHE A 72 8.81 24.06 25.51
N SER A 73 8.58 25.16 24.80
CA SER A 73 9.65 26.07 24.33
C SER A 73 9.60 27.36 25.17
N TYR A 74 10.79 27.84 25.55
CA TYR A 74 11.03 29.06 26.35
C TYR A 74 11.83 30.05 25.50
N ASP A 75 11.65 31.34 25.76
CA ASP A 75 12.46 32.43 25.16
C ASP A 75 13.41 32.97 26.25
N LYS A 76 14.15 34.04 25.92
CA LYS A 76 15.19 34.66 26.80
C LYS A 76 14.55 35.10 28.12
N GLN A 77 13.29 35.53 28.11
CA GLN A 77 12.54 36.00 29.32
C GLN A 77 11.69 34.88 29.95
N ASP A 78 11.92 33.61 29.62
CA ASP A 78 11.18 32.42 30.14
C ASP A 78 9.67 32.49 29.85
N ASN A 79 9.26 33.13 28.76
CA ASN A 79 7.86 33.01 28.26
C ASN A 79 7.70 31.60 27.69
N MET A 80 6.71 30.87 28.19
CA MET A 80 6.57 29.42 28.01
C MET A 80 5.51 29.18 26.93
N SER A 81 5.76 28.27 26.01
CA SER A 81 4.71 27.82 25.06
C SER A 81 4.77 26.30 24.86
N PHE A 82 3.58 25.74 24.65
CA PHE A 82 3.37 24.29 24.41
C PHE A 82 3.72 23.95 22.97
N GLY A 83 4.54 22.93 22.75
CA GLY A 83 4.78 22.47 21.36
C GLY A 83 3.59 21.66 20.89
N ASP A 84 2.66 22.28 20.15
CA ASP A 84 1.41 21.60 19.71
C ASP A 84 1.60 20.99 18.32
N HIS A 85 2.84 20.75 17.91
CA HIS A 85 3.12 20.25 16.54
C HIS A 85 2.69 18.78 16.44
N GLY A 86 3.19 17.92 17.34
CA GLY A 86 2.78 16.51 17.47
C GLY A 86 1.29 16.37 17.56
N THR A 87 0.60 17.20 18.34
CA THR A 87 -0.86 17.09 18.56
C THR A 87 -1.56 17.32 17.22
N HIS A 88 -1.13 18.35 16.50
CA HIS A 88 -1.67 18.73 15.18
C HIS A 88 -1.47 17.57 14.19
N VAL A 89 -0.24 17.04 14.11
CA VAL A 89 0.12 15.90 13.21
C VAL A 89 -0.76 14.68 13.54
N ALA A 90 -0.82 14.30 14.81
CA ALA A 90 -1.57 13.10 15.25
C ALA A 90 -3.04 13.24 14.84
N GLY A 91 -3.59 14.45 14.94
CA GLY A 91 -5.02 14.71 14.64
C GLY A 91 -5.32 14.48 13.18
N ILE A 92 -4.43 14.93 12.30
CA ILE A 92 -4.64 14.82 10.83
C ILE A 92 -4.72 13.33 10.47
N ALA A 93 -3.82 12.52 11.03
CA ALA A 93 -3.78 11.06 10.78
C ALA A 93 -4.95 10.33 11.48
N ALA A 94 -5.29 10.63 12.73
CA ALA A 94 -6.12 9.67 13.50
C ALA A 94 -7.01 10.30 14.58
N ALA A 95 -7.37 11.59 14.52
CA ALA A 95 -8.44 12.15 15.38
C ALA A 95 -9.74 11.32 15.21
N LYS A 96 -10.47 11.13 16.29
CA LYS A 96 -11.75 10.38 16.33
C LYS A 96 -12.78 11.03 15.43
N ARG A 97 -13.52 10.21 14.73
CA ARG A 97 -14.75 10.66 14.04
C ARG A 97 -15.86 10.48 15.08
N ASP A 98 -16.17 11.54 15.82
CA ASP A 98 -17.05 11.50 17.03
C ASP A 98 -18.09 12.63 16.94
N GLY A 99 -18.28 13.21 15.75
CA GLY A 99 -19.18 14.35 15.54
C GLY A 99 -18.65 15.65 16.13
N ALA A 100 -17.40 15.70 16.60
CA ALA A 100 -16.84 16.93 17.18
C ALA A 100 -15.56 17.35 16.45
N GLY A 101 -15.41 18.66 16.18
CA GLY A 101 -14.23 19.31 15.58
C GLY A 101 -13.92 18.74 14.20
N MET A 102 -12.83 17.97 14.07
CA MET A 102 -12.45 17.31 12.80
C MET A 102 -12.08 15.86 13.10
N HIS A 103 -11.72 15.07 12.10
CA HIS A 103 -11.26 13.68 12.34
C HIS A 103 -10.12 13.33 11.40
N GLY A 104 -9.41 12.28 11.76
CA GLY A 104 -8.21 11.84 11.04
C GLY A 104 -8.58 11.13 9.77
N VAL A 105 -7.62 10.95 8.89
CA VAL A 105 -7.79 10.12 7.66
C VAL A 105 -8.16 8.71 8.12
N ALA A 106 -7.35 8.14 9.04
CA ALA A 106 -7.55 6.81 9.64
C ALA A 106 -8.20 6.97 11.02
N PHE A 107 -9.46 7.39 11.05
CA PHE A 107 -10.15 7.84 12.28
C PHE A 107 -10.37 6.68 13.27
N ASP A 108 -10.22 5.41 12.85
CA ASP A 108 -10.29 4.23 13.74
C ASP A 108 -8.89 3.72 14.10
N ALA A 109 -7.81 4.34 13.65
CA ALA A 109 -6.42 3.89 13.96
C ALA A 109 -6.06 4.28 15.41
N ASP A 110 -5.20 3.47 16.03
CA ASP A 110 -4.58 3.77 17.33
C ASP A 110 -3.22 4.46 17.07
N ILE A 111 -2.71 5.13 18.10
CA ILE A 111 -1.52 6.02 18.04
C ILE A 111 -0.56 5.62 19.15
N ILE A 112 0.69 5.39 18.81
CA ILE A 112 1.82 5.32 19.76
C ILE A 112 2.70 6.52 19.47
N GLY A 113 2.89 7.40 20.46
CA GLY A 113 3.66 8.63 20.32
C GLY A 113 4.95 8.59 21.11
N THR A 114 6.04 9.00 20.49
CA THR A 114 7.35 9.21 21.12
C THR A 114 7.75 10.67 20.90
N LYS A 115 8.60 11.16 21.79
CA LYS A 115 9.13 12.54 21.78
C LYS A 115 10.37 12.60 20.89
N LEU A 116 10.33 13.47 19.88
CA LEU A 116 11.48 13.86 19.05
C LEU A 116 12.62 14.41 19.92
N ASN A 117 12.31 15.35 20.84
CA ASN A 117 13.29 16.13 21.68
C ASN A 117 12.95 16.03 23.18
N ASP A 118 13.94 16.34 24.04
CA ASP A 118 13.82 16.38 25.54
C ASP A 118 13.22 15.07 26.05
N TYR A 119 13.77 13.93 25.64
CA TYR A 119 13.18 12.59 25.93
C TYR A 119 13.86 11.94 27.15
N GLY A 120 14.83 12.63 27.75
CA GLY A 120 15.56 12.13 28.93
C GLY A 120 16.29 10.84 28.59
N ASN A 121 15.95 9.77 29.30
CA ASN A 121 16.51 8.42 29.06
C ASN A 121 15.40 7.44 28.68
N ARG A 122 14.24 7.94 28.23
CA ARG A 122 13.18 7.10 27.60
C ARG A 122 12.71 7.70 26.26
N ASN A 123 13.52 7.54 25.22
CA ASN A 123 13.19 8.05 23.87
C ASN A 123 12.12 7.15 23.23
N GLY A 124 11.95 5.92 23.73
CA GLY A 124 10.87 5.00 23.30
C GLY A 124 11.09 4.47 21.88
N ARG A 125 12.27 4.71 21.28
CA ARG A 125 12.52 4.40 19.85
C ARG A 125 12.48 2.88 19.67
N GLU A 126 13.23 2.12 20.47
CA GLU A 126 13.36 0.66 20.27
C GLU A 126 12.00 0.05 20.57
N GLU A 127 11.28 0.60 21.55
CA GLU A 127 9.90 0.16 21.85
C GLU A 127 9.02 0.38 20.62
N LEU A 128 9.11 1.55 19.98
CA LEU A 128 8.25 1.86 18.82
C LEU A 128 8.55 0.85 17.72
N ILE A 129 9.83 0.53 17.54
CA ILE A 129 10.31 -0.40 16.47
C ILE A 129 9.73 -1.79 16.76
N GLN A 130 9.70 -2.20 18.04
CA GLN A 130 9.24 -3.54 18.48
C GLN A 130 7.71 -3.55 18.64
N SER A 131 7.05 -2.41 18.54
CA SER A 131 5.57 -2.35 18.67
C SER A 131 4.94 -2.87 17.39
N ALA A 132 3.61 -2.95 17.41
CA ALA A 132 2.76 -3.27 16.24
C ALA A 132 2.51 -2.00 15.41
N ALA A 133 3.12 -0.85 15.74
CA ALA A 133 3.01 0.37 14.90
C ALA A 133 3.44 -0.01 13.47
N ARG A 134 2.59 0.26 12.48
CA ARG A 134 2.80 -0.24 11.10
C ARG A 134 3.53 0.79 10.24
N VAL A 135 3.34 2.04 10.59
CA VAL A 135 3.84 3.20 9.81
C VAL A 135 4.26 4.23 10.85
N ILE A 136 5.37 4.91 10.61
CA ILE A 136 5.87 5.98 11.50
C ILE A 136 5.91 7.31 10.76
N ASN A 137 5.24 8.29 11.32
CA ASN A 137 5.21 9.67 10.78
C ASN A 137 6.38 10.46 11.35
N ASN A 138 7.21 11.03 10.50
CA ASN A 138 8.36 11.91 10.90
C ASN A 138 8.17 13.28 10.26
N SER A 139 7.35 14.12 10.88
CA SER A 139 7.09 15.52 10.47
C SER A 139 8.20 16.41 11.04
N TRP A 140 9.45 16.10 10.74
CA TRP A 140 10.61 16.84 11.28
C TRP A 140 11.78 16.74 10.31
N GLY A 141 12.81 17.54 10.50
CA GLY A 141 14.04 17.49 9.70
C GLY A 141 14.97 18.61 10.07
N ILE A 142 16.05 18.77 9.31
CA ILE A 142 17.09 19.81 9.53
C ILE A 142 16.89 20.86 8.43
N ALA A 143 16.82 22.13 8.82
CA ALA A 143 16.70 23.32 7.94
C ALA A 143 18.03 23.59 7.28
N PRO A 144 18.06 24.00 5.99
CA PRO A 144 19.29 24.47 5.37
C PRO A 144 19.53 25.89 5.92
N ASP A 145 20.73 26.45 5.69
CA ASP A 145 21.05 27.86 6.01
C ASP A 145 20.00 28.79 5.37
N ILE A 146 19.77 29.92 6.02
CA ILE A 146 19.04 31.07 5.42
C ILE A 146 20.06 32.07 4.88
N ARG A 147 19.81 32.60 3.69
CA ARG A 147 20.66 33.64 3.06
C ARG A 147 20.53 34.93 3.89
N ARG A 148 21.66 35.52 4.28
CA ARG A 148 21.70 36.71 5.15
C ARG A 148 22.42 37.83 4.41
N ASP A 149 22.00 39.08 4.62
CA ASP A 149 22.68 40.28 4.06
C ASP A 149 24.03 40.47 4.79
N ALA A 150 24.84 41.41 4.29
CA ALA A 150 26.19 41.69 4.81
C ALA A 150 26.12 42.08 6.29
N LYS A 151 24.99 42.63 6.76
CA LYS A 151 24.74 42.97 8.19
C LYS A 151 24.49 41.68 9.02
N GLY A 152 23.90 40.64 8.41
CA GLY A 152 23.58 39.36 9.08
C GLY A 152 22.09 39.19 9.34
N ASP A 153 21.22 40.03 8.77
CA ASP A 153 19.75 39.88 8.85
C ASP A 153 19.27 38.92 7.75
N ILE A 154 18.20 38.18 8.05
CA ILE A 154 17.50 37.23 7.17
C ILE A 154 17.05 37.97 5.91
N ILE A 155 17.41 37.46 4.74
CA ILE A 155 16.87 37.93 3.43
C ILE A 155 15.52 37.24 3.22
N TRP A 156 14.45 38.02 3.09
CA TRP A 156 13.07 37.51 2.87
C TRP A 156 12.73 37.62 1.39
N LEU A 157 12.11 36.59 0.82
CA LEU A 157 11.63 36.57 -0.57
C LEU A 157 10.30 37.32 -0.62
N PRO A 158 9.96 37.94 -1.78
CA PRO A 158 8.72 38.70 -1.92
C PRO A 158 7.46 37.88 -1.61
N ASN A 159 7.55 36.55 -1.64
CA ASN A 159 6.45 35.61 -1.32
C ASN A 159 6.24 35.49 0.20
N GLY A 160 7.02 36.19 1.02
CA GLY A 160 6.84 36.20 2.49
C GLY A 160 7.69 35.16 3.19
N ARG A 161 8.46 34.35 2.46
CA ARG A 161 9.22 33.19 3.02
C ARG A 161 10.71 33.53 3.12
N PRO A 162 11.44 32.98 4.11
CA PRO A 162 12.90 33.11 4.13
C PRO A 162 13.57 32.63 2.83
N ASP A 163 14.68 33.29 2.44
CA ASP A 163 15.48 32.93 1.25
C ASP A 163 16.41 31.82 1.70
N TYR A 164 15.91 30.60 1.78
CA TYR A 164 16.72 29.45 2.21
C TYR A 164 17.74 29.15 1.11
N VAL A 165 18.94 28.79 1.50
CA VAL A 165 19.95 28.21 0.57
C VAL A 165 19.46 26.82 0.12
N ALA A 166 19.64 26.51 -1.15
CA ALA A 166 19.24 25.24 -1.78
C ALA A 166 20.26 24.17 -1.41
N PHE A 167 19.83 23.04 -0.87
CA PHE A 167 20.67 21.83 -0.84
C PHE A 167 21.01 21.45 -2.29
N VAL A 168 22.14 20.80 -2.49
CA VAL A 168 22.62 20.38 -3.83
C VAL A 168 22.59 18.86 -3.87
N LYS A 169 21.97 18.29 -4.90
CA LYS A 169 21.74 16.84 -5.05
CA LYS A 169 21.74 16.83 -5.07
C LYS A 169 23.05 16.06 -4.81
N SER A 170 24.09 16.36 -5.58
CA SER A 170 25.39 15.65 -5.50
C SER A 170 25.94 15.70 -4.08
N GLU A 171 25.79 16.82 -3.37
CA GLU A 171 26.32 17.02 -1.99
C GLU A 171 25.48 16.24 -0.95
N VAL A 172 24.15 16.29 -1.04
CA VAL A 172 23.31 15.55 -0.06
C VAL A 172 23.57 14.05 -0.22
N ILE A 173 23.67 13.57 -1.46
CA ILE A 173 23.87 12.11 -1.72
C ILE A 173 25.27 11.72 -1.23
N ALA A 174 26.27 12.58 -1.44
CA ALA A 174 27.68 12.32 -1.01
C ALA A 174 27.71 12.23 0.52
N GLU A 175 26.96 13.08 1.20
CA GLU A 175 26.92 13.11 2.69
C GLU A 175 26.28 11.79 3.15
N MET A 176 25.20 11.38 2.52
CA MET A 176 24.54 10.09 2.85
C MET A 176 25.50 8.92 2.61
N MET A 177 26.19 8.88 1.46
CA MET A 177 27.15 7.81 1.13
C MET A 177 28.27 7.75 2.17
N ARG A 178 28.76 8.91 2.65
CA ARG A 178 29.83 8.99 3.69
C ARG A 178 29.33 8.44 5.03
N SER A 179 28.02 8.55 5.32
CA SER A 179 27.39 8.09 6.59
C SER A 179 27.09 6.60 6.56
N LYS A 180 27.16 5.96 5.39
CA LYS A 180 26.58 4.63 5.13
C LYS A 180 27.09 3.59 6.13
N SER A 181 28.41 3.45 6.28
CA SER A 181 29.01 2.30 7.01
C SER A 181 28.63 2.42 8.49
N SER A 182 28.69 3.63 9.04
CA SER A 182 28.32 3.92 10.45
C SER A 182 26.79 3.72 10.64
N VAL A 183 25.96 4.25 9.76
CA VAL A 183 24.48 4.07 9.86
C VAL A 183 24.13 2.59 9.72
N GLU A 184 24.80 1.85 8.85
CA GLU A 184 24.50 0.39 8.70
C GLU A 184 24.77 -0.28 10.06
N TRP A 185 25.98 -0.07 10.61
CA TRP A 185 26.38 -0.64 11.92
C TRP A 185 25.34 -0.27 12.98
N GLY A 186 24.99 1.01 13.09
CA GLY A 186 24.09 1.51 14.14
C GLY A 186 22.75 0.79 14.09
N SER A 187 22.25 0.49 12.90
CA SER A 187 20.89 -0.03 12.67
C SER A 187 20.73 -1.47 13.19
N GLU A 188 21.84 -2.20 13.33
CA GLU A 188 21.86 -3.64 13.71
C GLU A 188 21.71 -3.79 15.24
N GLN A 189 22.02 -2.76 16.04
CA GLN A 189 21.85 -2.89 17.52
C GLN A 189 20.52 -2.28 17.94
N PRO A 190 19.99 -2.65 19.12
CA PRO A 190 18.77 -2.03 19.62
C PRO A 190 19.06 -0.54 19.86
N VAL A 191 18.07 0.33 19.70
CA VAL A 191 18.29 1.79 19.79
C VAL A 191 18.48 2.14 21.26
N PRO A 192 19.59 2.79 21.66
CA PRO A 192 19.76 3.21 23.05
C PRO A 192 18.57 4.09 23.43
N THR A 193 18.20 4.12 24.72
CA THR A 193 17.00 4.84 25.24
C THR A 193 17.27 6.34 25.43
N GLY A 194 18.52 6.77 25.32
CA GLY A 194 18.91 8.19 25.41
C GLY A 194 19.45 8.70 24.10
N GLY A 195 20.65 9.26 24.11
CA GLY A 195 21.35 9.72 22.89
C GLY A 195 21.27 8.63 21.84
N HIS A 196 21.07 8.97 20.57
CA HIS A 196 20.92 7.96 19.51
C HIS A 196 21.03 8.59 18.11
N SER A 197 21.26 7.75 17.11
CA SER A 197 21.33 8.18 15.68
C SER A 197 19.94 8.09 15.05
N ALA A 198 19.40 9.22 14.60
CA ALA A 198 18.12 9.29 13.84
C ALA A 198 18.20 8.38 12.60
N MET A 199 19.30 8.41 11.85
CA MET A 199 19.41 7.67 10.58
C MET A 199 19.43 6.15 10.85
N SER A 200 20.21 5.70 11.83
CA SER A 200 20.25 4.28 12.25
C SER A 200 18.86 3.85 12.73
N THR A 201 18.17 4.75 13.44
CA THR A 201 16.85 4.43 14.03
C THR A 201 15.85 4.16 12.91
N LEU A 202 15.81 5.01 11.89
CA LEU A 202 14.77 4.87 10.84
C LEU A 202 15.12 3.74 9.90
N LEU A 203 16.41 3.51 9.66
CA LEU A 203 16.83 2.35 8.84
C LEU A 203 16.40 1.07 9.56
N ARG A 204 16.64 1.00 10.86
CA ARG A 204 16.27 -0.20 11.66
C ARG A 204 14.75 -0.42 11.60
N ALA A 205 13.97 0.64 11.81
CA ALA A 205 12.49 0.54 11.75
C ALA A 205 12.06 0.01 10.39
N ALA A 206 12.60 0.57 9.30
CA ALA A 206 12.26 0.14 7.92
C ALA A 206 12.59 -1.35 7.80
N ARG A 207 13.73 -1.79 8.32
CA ARG A 207 14.12 -3.22 8.21
C ARG A 207 13.31 -4.11 9.16
N HIS A 208 12.53 -3.56 10.09
CA HIS A 208 11.60 -4.32 10.96
C HIS A 208 10.18 -4.25 10.40
N GLY A 209 10.03 -3.86 9.13
CA GLY A 209 8.78 -3.99 8.37
C GLY A 209 7.83 -2.81 8.54
N LYS A 210 8.33 -1.65 8.94
CA LYS A 210 7.51 -0.42 9.10
C LYS A 210 7.69 0.51 7.90
N LEU A 211 6.61 1.20 7.56
CA LEU A 211 6.60 2.27 6.54
C LEU A 211 7.05 3.57 7.21
N ILE A 212 8.08 4.20 6.66
CA ILE A 212 8.65 5.47 7.17
C ILE A 212 8.13 6.62 6.32
N VAL A 213 7.42 7.56 6.92
CA VAL A 213 6.83 8.71 6.18
C VAL A 213 7.52 9.97 6.68
N PHE A 214 8.06 10.77 5.78
CA PHE A 214 8.78 12.02 6.13
C PHE A 214 8.16 13.20 5.41
N SER A 215 8.15 14.35 6.08
CA SER A 215 7.83 15.65 5.45
C SER A 215 9.01 16.02 4.53
N ALA A 216 8.75 16.56 3.35
CA ALA A 216 9.82 16.97 2.41
C ALA A 216 10.62 18.16 2.97
N GLY A 217 10.02 19.02 3.79
CA GLY A 217 10.64 20.28 4.27
C GLY A 217 9.90 21.48 3.72
N ASN A 218 10.05 22.65 4.36
CA ASN A 218 9.34 23.90 4.03
C ASN A 218 10.38 24.94 3.57
N TYR A 219 11.23 24.60 2.62
CA TYR A 219 12.41 25.42 2.27
C TYR A 219 12.36 25.83 0.79
N ASN A 220 11.14 25.95 0.25
CA ASN A 220 10.83 26.61 -1.05
C ASN A 220 10.99 25.61 -2.19
N ASN A 221 10.28 25.86 -3.31
CA ASN A 221 10.13 24.90 -4.44
C ASN A 221 11.47 24.67 -5.17
N TYR A 222 12.41 25.61 -5.06
CA TYR A 222 13.75 25.47 -5.68
C TYR A 222 14.59 24.50 -4.85
N ASN A 223 14.13 24.14 -3.66
CA ASN A 223 14.89 23.28 -2.71
C ASN A 223 14.54 21.79 -2.87
N ILE A 224 15.45 20.95 -2.38
CA ILE A 224 15.33 19.47 -2.41
C ILE A 224 15.51 18.98 -0.99
N PRO A 225 15.05 17.76 -0.68
CA PRO A 225 15.18 17.19 0.65
C PRO A 225 16.65 16.93 1.06
N GLU A 226 16.88 16.99 2.37
CA GLU A 226 18.22 16.85 3.00
C GLU A 226 18.72 15.40 2.93
N ALA A 227 19.96 15.18 3.38
CA ALA A 227 20.66 13.87 3.37
C ALA A 227 19.89 12.75 4.10
N GLN A 228 19.39 13.02 5.31
CA GLN A 228 18.49 12.16 6.12
C GLN A 228 17.41 11.50 5.25
N LYS A 229 16.75 12.31 4.42
CA LYS A 229 15.59 11.91 3.58
C LYS A 229 16.10 11.29 2.26
N SER A 230 17.41 11.27 2.02
CA SER A 230 18.08 10.60 0.88
C SER A 230 18.67 9.24 1.30
N LEU A 231 18.30 8.72 2.47
CA LEU A 231 18.91 7.47 3.03
C LEU A 231 18.77 6.30 2.06
N PRO A 232 17.65 6.15 1.31
CA PRO A 232 17.57 5.08 0.31
C PRO A 232 18.70 5.05 -0.74
N TYR A 233 19.40 6.16 -0.98
CA TYR A 233 20.56 6.16 -1.90
C TYR A 233 21.63 5.24 -1.31
N ALA A 234 21.80 5.22 0.00
CA ALA A 234 22.80 4.39 0.72
C ALA A 234 22.26 2.98 0.92
N PHE A 235 20.94 2.86 1.18
CA PHE A 235 20.21 1.60 1.49
C PHE A 235 19.03 1.45 0.52
N PRO A 236 19.26 1.18 -0.78
CA PRO A 236 18.14 1.06 -1.73
C PRO A 236 17.16 -0.07 -1.36
N ASP A 237 17.61 -1.07 -0.59
CA ASP A 237 16.74 -2.15 -0.04
C ASP A 237 15.56 -1.58 0.76
N VAL A 238 15.63 -0.34 1.26
CA VAL A 238 14.52 0.23 2.07
C VAL A 238 13.81 1.36 1.31
N LEU A 239 14.16 1.62 0.06
CA LEU A 239 13.48 2.70 -0.72
C LEU A 239 11.95 2.49 -0.67
N ASN A 240 11.47 1.25 -0.80
CA ASN A 240 10.03 0.92 -0.83
C ASN A 240 9.35 1.13 0.53
N ASN A 241 10.12 1.28 1.61
CA ASN A 241 9.61 1.55 2.99
C ASN A 241 9.72 3.05 3.36
N TYR A 242 10.13 3.92 2.43
CA TYR A 242 10.27 5.38 2.64
C TYR A 242 9.27 6.11 1.72
N LEU A 243 8.56 7.09 2.24
CA LEU A 243 7.74 8.03 1.45
C LEU A 243 8.06 9.45 1.94
N ILE A 244 8.52 10.29 1.02
CA ILE A 244 8.72 11.74 1.26
C ILE A 244 7.49 12.44 0.72
N VAL A 245 7.03 13.47 1.42
CA VAL A 245 5.69 14.05 1.18
C VAL A 245 5.85 15.55 1.05
N THR A 246 5.45 16.08 -0.11
CA THR A 246 5.39 17.52 -0.38
C THR A 246 4.01 18.07 0.02
N ASN A 247 3.89 19.39 0.12
CA ASN A 247 2.73 20.14 0.65
C ASN A 247 1.94 20.78 -0.53
N LEU A 248 0.73 20.31 -0.80
CA LEU A 248 -0.21 20.84 -1.83
C LEU A 248 -1.07 21.92 -1.19
N SER A 249 -1.13 23.09 -1.82
CA SER A 249 -1.99 24.21 -1.38
C SER A 249 -3.41 23.95 -1.87
N ASP A 250 -3.56 23.12 -2.89
CA ASP A 250 -4.87 22.67 -3.42
C ASP A 250 -4.58 21.38 -4.19
N GLU A 251 -5.59 20.76 -4.82
CA GLU A 251 -5.49 19.44 -5.47
C GLU A 251 -4.38 19.39 -6.52
N ASN A 252 -3.90 20.53 -7.05
CA ASN A 252 -3.01 20.52 -8.23
C ASN A 252 -1.68 21.23 -7.99
N GLN A 253 -1.51 21.97 -6.90
CA GLN A 253 -0.43 22.99 -6.82
C GLN A 253 0.36 22.83 -5.51
N LEU A 254 1.70 22.89 -5.60
CA LEU A 254 2.58 22.91 -4.40
C LEU A 254 2.36 24.22 -3.63
N SER A 255 2.42 24.19 -2.31
CA SER A 255 2.57 25.41 -1.51
C SER A 255 3.87 26.09 -1.93
N VAL A 256 3.88 27.43 -1.95
CA VAL A 256 5.08 28.25 -2.28
C VAL A 256 6.22 27.90 -1.31
N SER A 257 5.90 27.47 -0.08
CA SER A 257 6.92 27.14 0.95
C SER A 257 7.48 25.71 0.80
N SER A 258 6.81 24.81 0.07
CA SER A 258 7.17 23.38 0.04
C SER A 258 8.54 23.18 -0.61
N THR A 259 9.39 22.39 0.02
CA THR A 259 10.53 21.68 -0.63
C THR A 259 9.98 20.80 -1.75
N SER A 260 10.72 20.70 -2.86
CA SER A 260 10.35 19.81 -3.98
C SER A 260 10.74 18.36 -3.62
N CYS A 261 10.19 17.35 -4.30
CA CYS A 261 10.65 15.94 -4.22
C CYS A 261 12.13 15.86 -4.59
N GLY A 262 12.54 16.49 -5.69
CA GLY A 262 13.92 16.47 -6.22
C GLY A 262 14.43 15.04 -6.37
N GLN A 263 15.55 14.73 -5.70
CA GLN A 263 16.24 13.41 -5.84
C GLN A 263 15.43 12.26 -5.22
N THR A 264 14.39 12.56 -4.44
CA THR A 264 13.54 11.55 -3.76
C THR A 264 12.30 11.25 -4.60
N ALA A 265 12.17 11.82 -5.79
CA ALA A 265 10.94 11.79 -6.62
C ALA A 265 10.40 10.37 -6.77
N SER A 266 11.27 9.36 -6.95
CA SER A 266 10.83 7.96 -7.17
C SER A 266 10.25 7.37 -5.87
N TYR A 267 10.42 8.01 -4.71
CA TYR A 267 9.77 7.56 -3.47
C TYR A 267 9.06 8.72 -2.78
N CYS A 268 8.48 9.61 -3.57
CA CYS A 268 7.88 10.85 -3.05
C CYS A 268 6.45 10.97 -3.57
N VAL A 269 5.54 11.47 -2.74
CA VAL A 269 4.17 11.80 -3.18
C VAL A 269 3.79 13.18 -2.63
N SER A 270 2.66 13.70 -3.07
CA SER A 270 2.15 15.02 -2.68
C SER A 270 0.85 14.82 -1.92
N ALA A 271 0.63 15.63 -0.89
CA ALA A 271 -0.62 15.58 -0.14
C ALA A 271 -0.93 16.98 0.36
N PRO A 272 -2.19 17.22 0.73
CA PRO A 272 -2.60 18.51 1.25
C PRO A 272 -1.85 18.88 2.53
N GLY A 273 -1.33 20.11 2.59
CA GLY A 273 -0.50 20.57 3.71
C GLY A 273 -0.72 22.01 4.10
N SER A 274 -1.61 22.72 3.40
CA SER A 274 -1.85 24.18 3.54
C SER A 274 -3.18 24.43 4.25
N ASP A 275 -3.16 25.19 5.34
CA ASP A 275 -4.33 25.59 6.15
C ASP A 275 -5.07 24.32 6.58
N ILE A 276 -4.36 23.46 7.27
CA ILE A 276 -4.93 22.18 7.80
C ILE A 276 -5.45 22.47 9.21
N TYR A 277 -6.75 22.24 9.39
CA TYR A 277 -7.47 22.34 10.69
C TYR A 277 -7.32 21.01 11.42
N SER A 278 -6.72 21.03 12.60
CA SER A 278 -6.45 19.82 13.39
C SER A 278 -6.38 20.14 14.90
N THR A 279 -6.09 19.10 15.68
CA THR A 279 -5.98 19.19 17.16
C THR A 279 -4.74 19.98 17.57
N VAL A 280 -4.90 20.87 18.57
CA VAL A 280 -3.80 21.65 19.20
C VAL A 280 -3.96 21.69 20.73
N GLY A 281 -2.92 22.15 21.40
CA GLY A 281 -3.00 22.56 22.81
C GLY A 281 -2.44 23.95 22.94
N ARG A 282 -2.91 24.74 23.90
CA ARG A 282 -2.35 26.09 24.17
C ARG A 282 -2.17 26.27 25.67
N LEU A 283 -0.96 26.68 26.08
CA LEU A 283 -0.64 27.08 27.48
C LEU A 283 -1.22 28.48 27.68
N GLU A 284 -2.11 28.64 28.65
CA GLU A 284 -2.88 29.89 28.84
C GLU A 284 -2.82 30.31 30.31
N SER A 285 -2.78 31.63 30.59
CA SER A 285 -2.85 32.18 31.96
C SER A 285 -4.31 32.11 32.44
N ASN A 286 -4.54 31.58 33.64
CA ASN A 286 -5.88 31.64 34.30
C ASN A 286 -6.14 33.02 34.91
N THR A 287 -5.13 33.88 35.06
CA THR A 287 -5.23 35.14 35.84
C THR A 287 -5.01 36.33 34.90
N GLY A 288 -5.16 36.15 33.58
CA GLY A 288 -4.85 37.17 32.56
C GLY A 288 -3.49 37.82 32.80
N GLY A 289 -2.47 37.00 33.05
CA GLY A 289 -1.10 37.45 33.38
C GLY A 289 -0.09 36.83 32.43
N ALA A 290 1.19 36.91 32.77
CA ALA A 290 2.28 36.34 31.95
C ALA A 290 2.10 34.82 31.81
N VAL A 291 2.48 34.28 30.66
CA VAL A 291 2.59 32.81 30.41
C VAL A 291 4.08 32.49 30.43
N ASN A 292 4.64 32.23 31.62
CA ASN A 292 6.08 31.95 31.82
C ASN A 292 6.25 30.87 32.89
N ARG A 293 7.51 30.49 33.14
CA ARG A 293 7.90 29.34 33.99
C ARG A 293 7.47 29.62 35.45
N GLU A 294 7.64 30.87 35.91
CA GLU A 294 7.29 31.34 37.28
C GLU A 294 5.79 31.12 37.48
N ALA A 295 4.97 31.57 36.51
CA ALA A 295 3.50 31.37 36.51
C ALA A 295 3.17 29.88 36.49
N TYR A 296 3.81 29.10 35.61
CA TYR A 296 3.56 27.64 35.44
C TYR A 296 3.74 26.99 36.81
N ASN A 297 4.85 27.30 37.48
CA ASN A 297 5.24 26.72 38.79
C ASN A 297 4.24 27.13 39.87
N LYS A 298 3.71 28.35 39.83
CA LYS A 298 2.74 28.84 40.86
C LYS A 298 1.33 28.33 40.55
N GLY A 299 1.16 27.46 39.54
CA GLY A 299 -0.13 26.86 39.20
C GLY A 299 -1.12 27.84 38.59
N GLU A 300 -0.62 28.96 38.02
CA GLU A 300 -1.46 30.02 37.40
C GLU A 300 -1.89 29.66 35.97
N LEU A 301 -1.23 28.66 35.34
CA LEU A 301 -1.42 28.31 33.90
C LEU A 301 -2.29 27.06 33.77
N SER A 302 -3.00 26.97 32.65
CA SER A 302 -3.77 25.80 32.18
C SER A 302 -3.25 25.42 30.79
N LEU A 303 -3.04 24.14 30.53
CA LEU A 303 -2.80 23.58 29.18
C LEU A 303 -4.14 23.08 28.62
N ASN A 304 -4.73 23.84 27.69
CA ASN A 304 -6.08 23.61 27.14
C ASN A 304 -6.02 23.00 25.74
N PRO A 305 -6.89 21.99 25.49
CA PRO A 305 -6.99 21.37 24.19
C PRO A 305 -7.85 22.28 23.32
N GLY A 306 -7.67 22.19 22.01
CA GLY A 306 -8.56 22.84 21.04
C GLY A 306 -8.17 22.45 19.63
N TYR A 307 -8.42 23.35 18.69
CA TYR A 307 -8.15 23.16 17.26
C TYR A 307 -7.54 24.44 16.71
N GLY A 308 -6.81 24.29 15.62
CA GLY A 308 -6.12 25.39 14.94
C GLY A 308 -5.71 24.99 13.55
N ASN A 309 -5.49 26.00 12.70
CA ASN A 309 -4.87 25.83 11.36
C ASN A 309 -3.35 25.79 11.49
N LYS A 310 -2.71 24.94 10.70
CA LYS A 310 -1.24 25.01 10.45
C LYS A 310 -0.97 24.61 9.01
N SER A 311 0.16 25.06 8.48
CA SER A 311 0.59 24.83 7.08
C SER A 311 2.00 24.24 7.10
N GLY A 312 2.31 23.31 6.20
CA GLY A 312 3.68 22.80 6.06
C GLY A 312 3.69 21.37 5.58
N THR A 313 4.84 20.89 5.15
CA THR A 313 4.95 19.46 4.77
C THR A 313 4.74 18.60 6.01
N SER A 314 4.96 19.15 7.21
CA SER A 314 4.60 18.50 8.51
C SER A 314 3.11 18.17 8.59
N MET A 315 2.22 18.91 7.89
CA MET A 315 0.76 18.64 7.86
C MET A 315 0.42 17.71 6.67
N ALA A 316 1.24 17.69 5.62
CA ALA A 316 1.01 16.80 4.46
C ALA A 316 1.37 15.34 4.83
N ALA A 317 2.50 15.14 5.49
CA ALA A 317 3.04 13.80 5.84
C ALA A 317 1.97 12.94 6.54
N PRO A 318 1.30 13.40 7.61
CA PRO A 318 0.27 12.59 8.26
C PRO A 318 -0.95 12.26 7.39
N HIS A 319 -1.19 12.99 6.31
CA HIS A 319 -2.24 12.56 5.36
C HIS A 319 -1.78 11.24 4.75
N VAL A 320 -0.48 11.10 4.47
CA VAL A 320 0.04 9.86 3.81
C VAL A 320 0.10 8.73 4.85
N THR A 321 0.44 9.06 6.10
CA THR A 321 0.42 8.13 7.25
C THR A 321 -1.00 7.59 7.45
N GLY A 322 -1.98 8.48 7.47
CA GLY A 322 -3.40 8.06 7.54
C GLY A 322 -3.76 7.20 6.35
N VAL A 323 -3.30 7.54 5.15
CA VAL A 323 -3.70 6.80 3.92
C VAL A 323 -3.14 5.38 4.02
N ALA A 324 -1.90 5.25 4.49
CA ALA A 324 -1.21 3.97 4.70
C ALA A 324 -2.00 3.09 5.70
N ALA A 325 -2.42 3.64 6.82
CA ALA A 325 -3.21 2.88 7.83
C ALA A 325 -4.53 2.39 7.21
N VAL A 326 -5.22 3.24 6.45
CA VAL A 326 -6.49 2.86 5.81
C VAL A 326 -6.19 1.70 4.85
N LEU A 327 -5.15 1.83 4.04
CA LEU A 327 -4.78 0.77 3.07
C LEU A 327 -4.35 -0.51 3.79
N MET A 328 -3.79 -0.44 5.00
CA MET A 328 -3.39 -1.69 5.71
C MET A 328 -4.63 -2.43 6.24
N GLN A 329 -5.78 -1.76 6.39
CA GLN A 329 -7.06 -2.47 6.65
C GLN A 329 -7.63 -3.01 5.32
N ARG A 330 -7.55 -2.26 4.22
CA ARG A 330 -8.01 -2.73 2.88
C ARG A 330 -7.20 -3.95 2.43
N PHE A 331 -5.88 -3.90 2.53
CA PHE A 331 -4.94 -4.95 2.06
C PHE A 331 -4.18 -5.50 3.26
N PRO A 332 -4.84 -6.26 4.17
CA PRO A 332 -4.22 -6.67 5.43
C PRO A 332 -3.06 -7.67 5.23
N TYR A 333 -2.99 -8.27 4.07
CA TYR A 333 -1.99 -9.29 3.70
C TYR A 333 -0.74 -8.63 3.05
N MET A 334 -0.79 -7.33 2.77
CA MET A 334 0.36 -6.65 2.11
C MET A 334 1.37 -6.25 3.16
N SER A 335 2.64 -6.33 2.78
CA SER A 335 3.78 -5.78 3.55
C SER A 335 3.85 -4.26 3.30
N ALA A 336 4.58 -3.53 4.13
CA ALA A 336 4.69 -2.06 4.06
C ALA A 336 5.20 -1.63 2.68
N ASP A 337 6.19 -2.31 2.11
CA ASP A 337 6.76 -1.98 0.78
C ASP A 337 5.69 -2.11 -0.31
N GLN A 338 4.76 -3.05 -0.13
CA GLN A 338 3.63 -3.26 -1.06
C GLN A 338 2.55 -2.18 -0.85
N ILE A 339 2.29 -1.77 0.39
CA ILE A 339 1.36 -0.66 0.70
C ILE A 339 1.92 0.62 0.02
N SER A 340 3.22 0.83 0.17
CA SER A 340 3.96 1.92 -0.52
C SER A 340 3.66 1.88 -2.03
N ALA A 341 3.88 0.74 -2.66
CA ALA A 341 3.65 0.59 -4.12
C ALA A 341 2.22 1.04 -4.45
N VAL A 342 1.23 0.64 -3.66
CA VAL A 342 -0.19 1.02 -3.95
C VAL A 342 -0.32 2.55 -3.91
N ILE A 343 0.20 3.17 -2.84
CA ILE A 343 0.13 4.64 -2.64
C ILE A 343 0.83 5.35 -3.83
N LYS A 344 2.03 4.94 -4.19
CA LYS A 344 2.79 5.57 -5.31
C LYS A 344 2.07 5.40 -6.66
N THR A 345 1.67 4.20 -7.05
CA THR A 345 1.17 3.92 -8.43
C THR A 345 -0.27 4.40 -8.62
N THR A 346 -1.01 4.64 -7.53
CA THR A 346 -2.41 5.14 -7.62
C THR A 346 -2.48 6.65 -7.39
N ALA A 347 -1.37 7.33 -7.09
CA ALA A 347 -1.35 8.80 -6.97
C ALA A 347 -1.81 9.42 -8.31
N THR A 348 -2.58 10.51 -8.24
CA THR A 348 -3.00 11.30 -9.42
C THR A 348 -1.77 12.06 -9.94
N ASP A 349 -1.36 11.78 -11.18
CA ASP A 349 -0.19 12.46 -11.82
C ASP A 349 -0.43 13.98 -11.85
N LEU A 350 0.51 14.76 -11.36
CA LEU A 350 0.44 16.24 -11.36
C LEU A 350 1.65 16.77 -12.14
N GLY A 351 1.54 17.99 -12.61
CA GLY A 351 2.62 18.73 -13.29
C GLY A 351 3.07 17.99 -14.52
N VAL A 352 4.36 17.93 -14.74
CA VAL A 352 4.97 17.21 -15.90
C VAL A 352 4.57 15.73 -15.82
N ALA A 353 4.13 15.16 -16.94
CA ALA A 353 3.66 13.75 -17.03
C ALA A 353 4.69 12.81 -16.40
N GLY A 354 4.19 11.80 -15.69
CA GLY A 354 5.05 10.80 -15.01
C GLY A 354 5.68 11.35 -13.75
N ILE A 355 6.63 10.60 -13.21
CA ILE A 355 7.38 10.99 -11.99
C ILE A 355 8.18 12.25 -12.29
N ASP A 356 8.07 13.27 -11.45
CA ASP A 356 8.73 14.59 -11.66
C ASP A 356 9.26 15.11 -10.31
N ASN A 357 10.20 16.03 -10.43
CA ASN A 357 10.98 16.62 -9.31
C ASN A 357 10.09 17.45 -8.37
N LEU A 358 8.91 17.90 -8.78
CA LEU A 358 8.03 18.71 -7.90
C LEU A 358 7.12 17.78 -7.08
N PHE A 359 6.36 16.90 -7.74
CA PHE A 359 5.22 16.18 -7.11
C PHE A 359 5.52 14.69 -6.94
N GLY A 360 6.64 14.23 -7.49
CA GLY A 360 7.02 12.81 -7.47
C GLY A 360 6.01 11.99 -8.26
N TRP A 361 5.41 10.99 -7.61
CA TRP A 361 4.32 10.17 -8.18
C TRP A 361 2.99 10.94 -8.24
N GLY A 362 2.84 12.04 -7.49
CA GLY A 362 1.64 12.89 -7.56
C GLY A 362 0.81 12.84 -6.29
N ARG A 363 -0.46 13.22 -6.38
CA ARG A 363 -1.33 13.43 -5.21
C ARG A 363 -1.89 12.07 -4.78
N VAL A 364 -1.69 11.68 -3.53
CA VAL A 364 -2.23 10.41 -2.99
C VAL A 364 -3.76 10.43 -3.15
N ASN A 365 -4.34 9.28 -3.47
CA ASN A 365 -5.74 9.16 -3.90
C ASN A 365 -6.32 7.85 -3.37
N LEU A 366 -7.13 7.92 -2.33
CA LEU A 366 -7.67 6.70 -1.68
C LEU A 366 -8.70 6.06 -2.60
N ARG A 367 -9.40 6.84 -3.43
CA ARG A 367 -10.45 6.29 -4.34
C ARG A 367 -9.81 5.28 -5.30
N ASP A 368 -8.62 5.59 -5.81
CA ASP A 368 -7.89 4.69 -6.74
C ASP A 368 -7.12 3.65 -5.94
N ALA A 369 -6.55 4.02 -4.78
CA ALA A 369 -5.69 3.12 -3.99
C ALA A 369 -6.46 1.85 -3.59
N ILE A 370 -7.72 1.98 -3.21
CA ILE A 370 -8.51 0.83 -2.66
C ILE A 370 -8.89 -0.18 -3.75
N ASN A 371 -8.55 0.07 -5.03
CA ASN A 371 -8.88 -0.87 -6.14
C ASN A 371 -7.61 -1.60 -6.58
N GLY A 372 -6.49 -1.35 -5.92
CA GLY A 372 -5.26 -2.14 -6.09
C GLY A 372 -4.14 -1.32 -6.73
N PRO A 373 -2.94 -1.90 -6.81
CA PRO A 373 -1.83 -1.23 -7.45
C PRO A 373 -2.06 -1.00 -8.95
N LYS A 374 -1.41 0.02 -9.52
CA LYS A 374 -1.55 0.32 -10.97
C LYS A 374 -0.25 -0.01 -11.69
N MET A 375 0.78 -0.48 -10.97
CA MET A 375 2.08 -0.75 -11.61
C MET A 375 2.91 -1.73 -10.77
N PHE A 376 3.49 -2.71 -11.43
CA PHE A 376 4.58 -3.56 -10.88
C PHE A 376 5.86 -2.87 -11.32
N ILE A 377 6.49 -2.15 -10.41
CA ILE A 377 7.57 -1.18 -10.74
C ILE A 377 8.89 -1.93 -10.85
N THR A 378 9.65 -1.65 -11.90
CA THR A 378 11.09 -1.99 -11.93
C THR A 378 11.85 -0.74 -12.33
N LYS A 379 13.18 -0.86 -12.36
CA LYS A 379 14.11 0.22 -12.72
C LYS A 379 13.68 0.86 -14.05
N GLU A 380 13.24 0.05 -15.00
CA GLU A 380 12.85 0.48 -16.37
C GLU A 380 11.62 1.38 -16.31
N ASP A 381 10.87 1.45 -15.22
CA ASP A 381 9.67 2.32 -15.11
C ASP A 381 10.03 3.70 -14.55
N ILE A 382 11.27 3.89 -14.07
CA ILE A 382 11.66 5.15 -13.39
C ILE A 382 12.43 6.00 -14.39
N PRO A 383 12.07 7.28 -14.61
CA PRO A 383 12.90 8.16 -15.44
C PRO A 383 14.33 8.16 -14.89
N GLN A 384 15.32 8.08 -15.78
CA GLN A 384 16.76 7.96 -15.44
C GLN A 384 17.14 9.08 -14.48
N GLU A 385 16.59 10.28 -14.69
CA GLU A 385 16.93 11.49 -13.89
C GLU A 385 16.66 11.19 -12.40
N TYR A 386 15.72 10.29 -12.06
CA TYR A 386 15.25 10.11 -10.65
C TYR A 386 15.60 8.71 -10.16
N TYR A 387 16.23 7.89 -10.98
CA TYR A 387 16.43 6.47 -10.62
C TYR A 387 17.48 6.41 -9.51
N VAL A 388 17.15 5.76 -8.38
CA VAL A 388 18.10 5.52 -7.26
C VAL A 388 18.81 4.19 -7.53
N PRO A 389 20.14 4.18 -7.79
CA PRO A 389 20.84 2.95 -8.13
C PRO A 389 20.65 1.84 -7.09
N GLY A 390 20.38 0.62 -7.56
CA GLY A 390 20.10 -0.55 -6.74
C GLY A 390 18.63 -0.64 -6.34
N SER A 391 17.78 0.34 -6.69
CA SER A 391 16.35 0.31 -6.24
C SER A 391 15.48 -0.41 -7.27
N TYR A 392 14.31 -0.88 -6.84
CA TYR A 392 13.31 -1.53 -7.72
C TYR A 392 14.00 -2.65 -8.51
N SER A 393 14.80 -3.48 -7.85
CA SER A 393 15.55 -4.58 -8.51
C SER A 393 14.73 -5.86 -8.49
N GLU A 394 13.70 -5.95 -7.65
CA GLU A 394 12.77 -7.12 -7.58
C GLU A 394 11.88 -7.13 -8.81
N LYS A 395 11.85 -8.23 -9.55
CA LYS A 395 11.03 -8.36 -10.78
C LYS A 395 9.56 -8.57 -10.38
N GLN A 396 9.31 -9.41 -9.37
CA GLN A 396 7.95 -9.87 -9.00
C GLN A 396 7.39 -9.05 -7.84
N PHE A 397 6.14 -8.59 -7.98
CA PHE A 397 5.22 -8.26 -6.87
C PHE A 397 4.69 -9.57 -6.29
N VAL A 398 5.12 -9.95 -5.09
CA VAL A 398 4.81 -11.28 -4.47
C VAL A 398 3.57 -11.10 -3.59
N VAL A 399 2.38 -11.41 -4.11
CA VAL A 399 1.11 -11.17 -3.35
C VAL A 399 0.77 -12.47 -2.62
N ASN A 400 0.72 -12.41 -1.30
CA ASN A 400 0.36 -13.57 -0.46
C ASN A 400 -1.07 -13.39 0.04
N ILE A 401 -2.06 -14.07 -0.56
CA ILE A 401 -3.46 -14.05 -0.05
C ILE A 401 -3.57 -15.29 0.82
N PRO A 402 -3.37 -15.17 2.14
CA PRO A 402 -2.99 -16.34 2.93
C PRO A 402 -4.17 -17.26 3.26
N GLY A 403 -5.40 -16.75 3.16
CA GLY A 403 -6.59 -17.46 3.66
C GLY A 403 -6.91 -17.02 5.08
N LEU A 404 -8.19 -16.99 5.41
CA LEU A 404 -8.67 -16.53 6.73
C LEU A 404 -8.06 -17.40 7.82
N GLY A 405 -7.57 -16.78 8.89
CA GLY A 405 -7.02 -17.48 10.06
C GLY A 405 -5.52 -17.69 9.99
N ASN A 406 -4.84 -17.29 8.91
CA ASN A 406 -3.38 -17.54 8.73
C ASN A 406 -2.56 -16.29 9.06
N ILE A 407 -1.32 -16.50 9.47
CA ILE A 407 -0.38 -15.46 9.96
C ILE A 407 0.31 -14.86 8.72
N VAL A 408 0.53 -13.54 8.72
CA VAL A 408 1.39 -12.87 7.70
C VAL A 408 2.49 -12.10 8.43
N GLU A 409 3.58 -11.82 7.70
CA GLU A 409 4.85 -11.21 8.19
C GLU A 409 5.31 -11.92 9.45
N PRO A 410 5.40 -13.27 9.44
CA PRO A 410 5.81 -14.02 10.62
C PRO A 410 7.25 -13.63 11.01
N GLY A 411 7.54 -13.63 12.32
CA GLY A 411 8.86 -13.33 12.88
C GLY A 411 9.23 -11.85 12.85
N THR A 412 8.28 -10.96 12.62
CA THR A 412 8.50 -9.49 12.57
C THR A 412 7.64 -8.86 13.65
N PRO A 413 7.93 -7.62 14.08
CA PRO A 413 7.05 -6.90 15.00
C PRO A 413 5.64 -6.64 14.46
N VAL A 414 5.43 -6.75 13.16
CA VAL A 414 4.09 -6.45 12.56
C VAL A 414 3.36 -7.76 12.27
N GLU A 415 3.91 -8.90 12.70
CA GLU A 415 3.26 -10.24 12.58
C GLU A 415 1.79 -10.15 13.01
N ARG A 416 0.87 -10.67 12.21
CA ARG A 416 -0.58 -10.57 12.53
C ARG A 416 -1.29 -11.75 11.88
N ARG A 417 -2.47 -12.07 12.41
CA ARG A 417 -3.38 -13.06 11.80
C ARG A 417 -4.29 -12.30 10.83
N CYS A 418 -4.53 -12.91 9.70
CA CYS A 418 -5.39 -12.38 8.62
C CYS A 418 -6.80 -12.87 8.95
N THR A 419 -7.69 -12.00 9.40
CA THR A 419 -9.02 -12.35 9.97
C THR A 419 -10.15 -11.67 9.20
N SER A 420 -9.86 -10.99 8.09
CA SER A 420 -10.90 -10.29 7.28
C SER A 420 -11.14 -11.06 5.99
N SER A 421 -12.26 -10.78 5.31
CA SER A 421 -12.70 -11.51 4.08
C SER A 421 -11.69 -11.31 2.93
N GLU A 422 -11.01 -10.17 2.89
CA GLU A 422 -9.99 -9.85 1.85
C GLU A 422 -8.80 -10.81 1.98
N CYS A 423 -8.66 -11.53 3.11
CA CYS A 423 -7.56 -12.51 3.32
C CYS A 423 -7.85 -13.86 2.65
N SER A 424 -9.10 -14.15 2.30
CA SER A 424 -9.43 -15.41 1.57
C SER A 424 -9.76 -15.09 0.12
N PHE A 425 -10.42 -13.97 -0.13
CA PHE A 425 -10.74 -13.53 -1.52
C PHE A 425 -10.56 -12.02 -1.63
N ASP A 426 -9.72 -11.59 -2.58
CA ASP A 426 -9.65 -10.16 -2.93
C ASP A 426 -9.73 -10.00 -4.45
N SER A 427 -10.11 -8.81 -4.90
CA SER A 427 -10.10 -8.44 -6.32
C SER A 427 -9.45 -7.07 -6.48
N TRP A 428 -8.60 -6.95 -7.49
CA TRP A 428 -7.98 -5.67 -7.90
C TRP A 428 -8.59 -5.26 -9.23
N SER A 429 -9.27 -4.13 -9.26
CA SER A 429 -9.99 -3.67 -10.46
C SER A 429 -9.12 -2.70 -11.26
N ASN A 430 -8.05 -2.12 -10.70
CA ASN A 430 -7.20 -1.14 -11.41
C ASN A 430 -6.40 -1.85 -12.52
N ASP A 431 -6.16 -1.12 -13.61
CA ASP A 431 -5.28 -1.57 -14.72
C ASP A 431 -3.85 -1.55 -14.18
N ILE A 432 -3.14 -2.68 -14.33
CA ILE A 432 -1.72 -2.79 -13.86
C ILE A 432 -0.77 -2.77 -15.04
N SER A 433 0.11 -1.78 -15.06
CA SER A 433 1.17 -1.67 -16.09
C SER A 433 2.52 -1.89 -15.42
N GLY A 434 3.58 -1.47 -16.11
CA GLY A 434 4.96 -1.56 -15.63
C GLY A 434 5.68 -2.78 -16.15
N HIS A 435 6.94 -2.91 -15.80
CA HIS A 435 7.84 -3.96 -16.34
C HIS A 435 7.89 -5.15 -15.37
N GLY A 436 7.37 -4.98 -14.16
CA GLY A 436 7.33 -6.07 -13.19
C GLY A 436 6.37 -7.18 -13.59
N GLY A 437 6.42 -8.29 -12.86
CA GLY A 437 5.44 -9.37 -12.92
C GLY A 437 4.78 -9.60 -11.58
N LEU A 438 3.92 -10.63 -11.54
CA LEU A 438 3.11 -11.00 -10.35
C LEU A 438 3.44 -12.41 -9.96
N THR A 439 3.65 -12.64 -8.67
CA THR A 439 3.72 -13.99 -8.07
C THR A 439 2.57 -14.11 -7.09
N LYS A 440 1.63 -14.99 -7.35
CA LYS A 440 0.52 -15.25 -6.41
C LYS A 440 0.93 -16.42 -5.52
N THR A 441 0.86 -16.23 -4.20
CA THR A 441 1.08 -17.29 -3.20
C THR A 441 -0.02 -17.16 -2.15
N GLY A 442 0.02 -18.03 -1.14
CA GLY A 442 -1.09 -18.19 -0.18
C GLY A 442 -2.22 -19.03 -0.74
N ALA A 443 -2.96 -19.69 0.16
CA ALA A 443 -4.08 -20.59 -0.17
C ALA A 443 -5.29 -19.79 -0.70
N GLY A 444 -5.34 -18.49 -0.50
CA GLY A 444 -6.55 -17.71 -0.90
C GLY A 444 -6.60 -17.44 -2.39
N THR A 445 -7.56 -16.62 -2.80
CA THR A 445 -7.91 -16.29 -4.19
C THR A 445 -7.68 -14.79 -4.44
N LEU A 446 -6.99 -14.46 -5.53
CA LEU A 446 -6.91 -13.08 -6.08
C LEU A 446 -7.59 -13.05 -7.45
N ALA A 447 -8.58 -12.18 -7.63
CA ALA A 447 -9.23 -11.91 -8.93
C ALA A 447 -8.67 -10.60 -9.46
N LEU A 448 -8.26 -10.59 -10.73
CA LEU A 448 -7.83 -9.37 -11.47
C LEU A 448 -8.89 -9.03 -12.52
N LEU A 449 -9.45 -7.83 -12.41
CA LEU A 449 -10.59 -7.36 -13.23
C LEU A 449 -10.15 -6.31 -14.25
N GLY A 450 -8.96 -5.74 -14.12
CA GLY A 450 -8.50 -4.66 -15.01
C GLY A 450 -7.96 -5.17 -16.34
N ASN A 451 -7.63 -4.23 -17.21
CA ASN A 451 -6.95 -4.46 -18.49
C ASN A 451 -5.46 -4.31 -18.21
N ASN A 452 -4.75 -5.39 -17.90
CA ASN A 452 -3.39 -5.30 -17.31
C ASN A 452 -2.37 -5.49 -18.44
N THR A 453 -1.34 -4.64 -18.45
CA THR A 453 -0.27 -4.63 -19.48
C THR A 453 1.12 -4.86 -18.89
N TYR A 454 1.24 -5.21 -17.60
CA TYR A 454 2.57 -5.40 -16.97
C TYR A 454 3.34 -6.44 -17.81
N ARG A 455 4.64 -6.23 -17.99
N ARG A 455 4.65 -6.24 -17.99
CA ARG A 455 5.48 -6.98 -18.96
CA ARG A 455 5.48 -6.99 -18.96
C ARG A 455 6.04 -8.25 -18.32
C ARG A 455 6.05 -8.26 -18.31
N GLY A 456 6.10 -8.32 -16.98
CA GLY A 456 6.69 -9.47 -16.28
C GLY A 456 5.82 -10.69 -16.38
N ASP A 457 6.40 -11.85 -16.08
CA ASP A 457 5.70 -13.16 -16.02
C ASP A 457 4.75 -13.16 -14.81
N THR A 458 3.74 -14.01 -14.89
CA THR A 458 2.81 -14.30 -13.78
C THR A 458 3.03 -15.72 -13.29
N TRP A 459 3.37 -15.88 -12.02
CA TRP A 459 3.60 -17.19 -11.35
C TRP A 459 2.46 -17.44 -10.37
N VAL A 460 1.66 -18.48 -10.60
CA VAL A 460 0.64 -18.92 -9.60
C VAL A 460 1.26 -20.08 -8.82
N LYS A 461 1.79 -19.79 -7.63
CA LYS A 461 2.56 -20.76 -6.81
C LYS A 461 1.59 -21.47 -5.87
N GLN A 462 0.49 -20.82 -5.52
CA GLN A 462 -0.46 -21.39 -4.54
C GLN A 462 -1.81 -20.70 -4.66
N GLY A 463 -2.88 -21.44 -4.40
CA GLY A 463 -4.27 -20.94 -4.40
C GLY A 463 -4.67 -20.58 -5.81
N VAL A 464 -5.64 -19.68 -5.93
CA VAL A 464 -6.31 -19.34 -7.20
C VAL A 464 -5.98 -17.90 -7.63
N LEU A 465 -5.57 -17.75 -8.88
CA LEU A 465 -5.53 -16.46 -9.59
C LEU A 465 -6.63 -16.48 -10.65
N ALA A 466 -7.69 -15.71 -10.46
CA ALA A 466 -8.83 -15.58 -11.39
C ALA A 466 -8.63 -14.34 -12.27
N ILE A 467 -8.45 -14.55 -13.57
CA ILE A 467 -8.33 -13.43 -14.55
C ILE A 467 -9.70 -13.19 -15.20
N ASP A 468 -10.35 -12.08 -14.87
CA ASP A 468 -11.67 -11.67 -15.43
C ASP A 468 -11.49 -10.53 -16.42
N GLY A 469 -10.53 -9.65 -16.21
CA GLY A 469 -10.12 -8.66 -17.22
C GLY A 469 -9.12 -9.33 -18.14
N SER A 470 -7.92 -8.80 -18.26
CA SER A 470 -6.89 -9.38 -19.14
C SER A 470 -5.51 -9.13 -18.57
N VAL A 471 -4.58 -10.05 -18.82
CA VAL A 471 -3.13 -9.85 -18.60
C VAL A 471 -2.45 -10.18 -19.92
N ALA A 472 -1.49 -9.34 -20.34
CA ALA A 472 -0.64 -9.60 -21.52
C ALA A 472 0.49 -10.56 -21.14
N SER A 473 0.55 -11.02 -19.91
CA SER A 473 1.69 -11.78 -19.34
C SER A 473 1.56 -13.28 -19.67
N ASN A 474 2.69 -13.99 -19.68
CA ASN A 474 2.79 -15.48 -19.65
C ASN A 474 2.56 -15.96 -18.21
N VAL A 475 1.67 -16.92 -18.02
CA VAL A 475 1.31 -17.44 -16.68
C VAL A 475 1.92 -18.83 -16.50
N TYR A 476 2.63 -19.04 -15.40
CA TYR A 476 3.13 -20.37 -14.99
C TYR A 476 2.36 -20.78 -13.74
N ILE A 477 1.61 -21.87 -13.85
CA ILE A 477 0.81 -22.43 -12.72
C ILE A 477 1.60 -23.59 -12.13
N GLU A 478 2.09 -23.41 -10.91
CA GLU A 478 2.96 -24.46 -10.27
C GLU A 478 2.14 -25.37 -9.37
N ASN A 479 2.82 -26.23 -8.61
CA ASN A 479 2.14 -27.18 -7.68
C ASN A 479 1.16 -26.41 -6.78
N SER A 480 -0.06 -26.94 -6.61
CA SER A 480 -1.08 -26.32 -5.72
C SER A 480 -1.62 -24.98 -6.25
N GLY A 481 -1.16 -24.51 -7.41
CA GLY A 481 -1.77 -23.28 -7.95
C GLY A 481 -2.89 -23.55 -8.94
N THR A 482 -3.79 -22.58 -9.15
CA THR A 482 -4.92 -22.65 -10.11
C THR A 482 -5.08 -21.31 -10.85
N LEU A 483 -5.15 -21.37 -12.19
CA LEU A 483 -5.58 -20.26 -13.07
C LEU A 483 -7.06 -20.44 -13.41
N SER A 484 -7.88 -19.43 -13.12
N SER A 484 -7.88 -19.43 -13.11
CA SER A 484 -9.35 -19.43 -13.30
CA SER A 484 -9.35 -19.44 -13.33
C SER A 484 -9.77 -18.14 -14.03
C SER A 484 -9.77 -18.15 -14.05
N GLY A 485 -11.08 -17.97 -14.27
CA GLY A 485 -11.64 -16.72 -14.81
C GLY A 485 -12.12 -16.80 -16.24
N GLU A 486 -12.87 -15.79 -16.65
CA GLU A 486 -13.53 -15.74 -17.98
C GLU A 486 -12.78 -14.74 -18.86
N GLY A 487 -11.58 -14.33 -18.44
CA GLY A 487 -10.80 -13.27 -19.10
C GLY A 487 -9.73 -13.84 -20.02
N THR A 488 -8.71 -13.03 -20.30
CA THR A 488 -7.65 -13.31 -21.30
C THR A 488 -6.28 -13.30 -20.63
N VAL A 489 -5.45 -14.27 -20.98
CA VAL A 489 -4.01 -14.29 -20.60
C VAL A 489 -3.21 -14.40 -21.90
N GLY A 490 -1.95 -14.00 -21.87
CA GLY A 490 -1.00 -14.12 -23.00
C GLY A 490 -0.74 -15.57 -23.36
N ALA A 491 -0.51 -16.41 -22.35
CA ALA A 491 -0.10 -17.82 -22.51
C ALA A 491 -0.13 -18.45 -21.14
N PHE A 492 -0.18 -19.77 -21.05
CA PHE A 492 -0.02 -20.42 -19.73
C PHE A 492 0.73 -21.72 -19.93
N ARG A 493 1.40 -22.10 -18.87
CA ARG A 493 2.01 -23.44 -18.75
C ARG A 493 1.63 -23.98 -17.38
N ALA A 494 0.83 -25.05 -17.37
CA ALA A 494 0.40 -25.74 -16.15
C ALA A 494 1.39 -26.88 -15.89
N ALA A 495 2.08 -26.82 -14.77
CA ALA A 495 3.10 -27.81 -14.40
C ALA A 495 2.41 -28.94 -13.64
N ARG A 496 3.16 -29.98 -13.32
CA ARG A 496 2.72 -31.07 -12.42
C ARG A 496 1.99 -30.45 -11.22
N SER A 497 0.75 -30.89 -10.98
CA SER A 497 -0.14 -30.48 -9.87
C SER A 497 -0.61 -29.03 -9.95
N GLY A 498 -0.30 -28.31 -11.03
CA GLY A 498 -0.96 -27.04 -11.39
C GLY A 498 -2.29 -27.28 -12.09
N SER A 499 -3.27 -26.43 -11.85
CA SER A 499 -4.66 -26.60 -12.37
C SER A 499 -5.06 -25.40 -13.22
N VAL A 500 -5.83 -25.66 -14.28
CA VAL A 500 -6.61 -24.59 -14.97
C VAL A 500 -8.11 -24.91 -14.80
N ALA A 501 -8.88 -23.93 -14.35
CA ALA A 501 -10.34 -24.04 -14.09
C ALA A 501 -11.03 -22.84 -14.72
N PRO A 502 -11.34 -22.87 -16.05
CA PRO A 502 -11.85 -21.70 -16.76
C PRO A 502 -13.17 -21.25 -16.15
N GLY A 503 -13.51 -19.97 -16.34
CA GLY A 503 -14.78 -19.35 -15.92
C GLY A 503 -14.83 -19.13 -14.43
N ASN A 504 -15.93 -18.53 -13.98
CA ASN A 504 -16.42 -18.46 -12.58
C ASN A 504 -17.66 -19.34 -12.56
N GLY A 505 -17.45 -20.64 -12.35
CA GLY A 505 -18.35 -21.69 -12.85
C GLY A 505 -18.08 -21.95 -14.32
N ILE A 506 -19.12 -22.16 -15.13
CA ILE A 506 -18.95 -22.47 -16.57
C ILE A 506 -18.57 -21.18 -17.30
N GLY A 507 -17.43 -21.21 -17.96
CA GLY A 507 -16.96 -20.04 -18.71
C GLY A 507 -15.81 -20.40 -19.61
N THR A 508 -15.40 -19.44 -20.42
CA THR A 508 -14.27 -19.62 -21.35
C THR A 508 -13.08 -18.78 -20.87
N LEU A 509 -11.90 -19.39 -20.82
CA LEU A 509 -10.63 -18.68 -20.61
C LEU A 509 -10.01 -18.48 -21.99
N HIS A 510 -9.68 -17.24 -22.31
CA HIS A 510 -9.06 -16.87 -23.60
C HIS A 510 -7.55 -16.79 -23.41
N VAL A 511 -6.79 -17.38 -24.32
CA VAL A 511 -5.30 -17.37 -24.32
C VAL A 511 -4.86 -16.84 -25.67
N LEU A 512 -4.14 -15.73 -25.69
CA LEU A 512 -3.68 -15.05 -26.93
C LEU A 512 -2.68 -15.92 -27.69
N HIS A 513 -1.85 -16.70 -26.99
CA HIS A 513 -0.79 -17.52 -27.63
C HIS A 513 -0.98 -18.98 -27.21
N ASP A 514 0.04 -19.58 -26.59
CA ASP A 514 0.12 -21.04 -26.31
C ASP A 514 -0.57 -21.36 -24.97
N ALA A 515 -1.34 -22.46 -24.95
CA ALA A 515 -1.82 -23.17 -23.74
C ALA A 515 -1.03 -24.47 -23.62
N ILE A 516 -0.21 -24.63 -22.57
CA ILE A 516 0.65 -25.84 -22.37
C ILE A 516 0.21 -26.55 -21.09
N PHE A 517 -0.05 -27.86 -21.21
CA PHE A 517 -0.35 -28.79 -20.10
C PHE A 517 0.82 -29.76 -19.98
N ASP A 518 1.53 -29.78 -18.86
CA ASP A 518 2.64 -30.74 -18.62
C ASP A 518 2.08 -32.01 -17.97
N ARG A 519 2.85 -33.10 -17.95
CA ARG A 519 2.49 -34.36 -17.24
C ARG A 519 2.12 -34.02 -15.79
N GLY A 520 0.99 -34.54 -15.29
CA GLY A 520 0.51 -34.30 -13.92
C GLY A 520 -0.26 -33.00 -13.75
N SER A 521 -0.38 -32.16 -14.78
CA SER A 521 -1.24 -30.95 -14.71
C SER A 521 -2.71 -31.39 -14.68
N GLN A 522 -3.59 -30.49 -14.27
CA GLN A 522 -5.03 -30.75 -14.11
C GLN A 522 -5.80 -29.69 -14.92
N TYR A 523 -6.79 -30.13 -15.69
CA TYR A 523 -7.80 -29.28 -16.35
C TYR A 523 -9.16 -29.64 -15.75
N ASN A 524 -9.70 -28.77 -14.88
CA ASN A 524 -11.00 -28.97 -14.20
C ASN A 524 -12.14 -28.37 -15.03
N VAL A 525 -12.83 -29.24 -15.77
CA VAL A 525 -13.93 -28.88 -16.70
C VAL A 525 -15.27 -29.06 -15.98
N GLU A 526 -16.06 -27.99 -15.89
CA GLU A 526 -17.49 -28.03 -15.52
C GLU A 526 -18.32 -28.25 -16.80
N VAL A 527 -19.30 -29.13 -16.74
CA VAL A 527 -20.27 -29.42 -17.84
C VAL A 527 -21.69 -29.21 -17.32
N ALA A 528 -22.61 -28.88 -18.22
CA ALA A 528 -24.06 -28.82 -17.98
C ALA A 528 -24.80 -29.50 -19.14
N ASP A 529 -26.09 -29.25 -19.27
CA ASP A 529 -26.91 -29.87 -20.34
C ASP A 529 -26.57 -29.23 -21.70
N ASN A 530 -26.70 -30.03 -22.76
CA ASN A 530 -26.82 -29.59 -24.18
C ASN A 530 -25.48 -29.00 -24.64
N GLY A 531 -24.36 -29.63 -24.28
CA GLY A 531 -23.03 -29.21 -24.78
C GLY A 531 -22.61 -27.85 -24.27
N ARG A 532 -23.00 -27.46 -23.05
CA ARG A 532 -22.44 -26.27 -22.35
C ARG A 532 -21.36 -26.73 -21.37
N SER A 533 -20.14 -26.20 -21.51
CA SER A 533 -18.98 -26.56 -20.67
C SER A 533 -17.96 -25.43 -20.59
N ASP A 534 -17.03 -25.57 -19.66
CA ASP A 534 -15.75 -24.82 -19.62
C ASP A 534 -15.03 -25.03 -20.95
N LYS A 535 -14.21 -24.07 -21.32
CA LYS A 535 -13.44 -24.11 -22.57
C LYS A 535 -12.21 -23.22 -22.40
N ILE A 536 -11.13 -23.64 -23.00
CA ILE A 536 -9.95 -22.79 -23.25
C ILE A 536 -9.96 -22.49 -24.74
N ALA A 537 -10.00 -21.19 -25.08
CA ALA A 537 -9.92 -20.67 -26.46
C ALA A 537 -8.52 -20.09 -26.63
N ALA A 538 -7.65 -20.83 -27.31
CA ALA A 538 -6.22 -20.49 -27.40
C ALA A 538 -5.83 -20.37 -28.88
N ARG A 539 -4.69 -19.74 -29.14
CA ARG A 539 -4.12 -19.74 -30.49
C ARG A 539 -3.57 -21.12 -30.81
N ARG A 540 -2.94 -21.78 -29.85
CA ARG A 540 -2.14 -23.00 -30.07
C ARG A 540 -2.09 -23.78 -28.76
N ALA A 541 -1.99 -25.12 -28.81
CA ALA A 541 -1.96 -25.93 -27.57
C ALA A 541 -0.95 -27.06 -27.69
N PHE A 542 -0.15 -27.22 -26.63
CA PHE A 542 0.77 -28.35 -26.40
C PHE A 542 0.26 -29.13 -25.20
N LEU A 543 -0.19 -30.37 -25.42
CA LEU A 543 -0.61 -31.30 -24.35
C LEU A 543 0.48 -32.34 -24.19
N ASN A 544 1.37 -32.13 -23.22
CA ASN A 544 2.46 -33.06 -22.83
C ASN A 544 1.90 -34.06 -21.82
N GLY A 545 0.64 -33.89 -21.46
CA GLY A 545 -0.04 -34.80 -20.52
C GLY A 545 -1.13 -34.06 -19.81
N GLY A 546 -1.43 -34.47 -18.59
CA GLY A 546 -2.45 -33.81 -17.76
C GLY A 546 -3.71 -34.63 -17.72
N SER A 547 -4.50 -34.40 -16.68
CA SER A 547 -5.79 -35.06 -16.45
C SER A 547 -6.91 -34.05 -16.68
N VAL A 548 -7.93 -34.43 -17.44
CA VAL A 548 -9.20 -33.68 -17.54
C VAL A 548 -10.15 -34.25 -16.50
N ASN A 549 -10.64 -33.40 -15.61
CA ASN A 549 -11.48 -33.77 -14.45
C ASN A 549 -12.85 -33.12 -14.63
N VAL A 550 -13.88 -33.94 -14.82
CA VAL A 550 -15.23 -33.45 -15.19
C VAL A 550 -16.11 -33.47 -13.97
N SER A 551 -16.76 -32.34 -13.69
CA SER A 551 -17.79 -32.20 -12.63
C SER A 551 -18.92 -31.32 -13.15
N LEU A 552 -20.05 -31.31 -12.45
CA LEU A 552 -21.14 -30.34 -12.70
C LEU A 552 -20.68 -29.00 -12.16
N GLU A 553 -21.38 -27.93 -12.57
CA GLU A 553 -21.01 -26.52 -12.28
C GLU A 553 -21.05 -26.32 -10.77
N ARG A 554 -19.93 -25.86 -10.21
CA ARG A 554 -19.75 -25.44 -8.79
C ARG A 554 -19.93 -26.63 -7.87
N SER A 555 -19.78 -27.85 -8.39
CA SER A 555 -19.82 -29.11 -7.60
C SER A 555 -18.39 -29.41 -7.12
N GLN A 556 -18.24 -29.85 -5.88
CA GLN A 556 -16.90 -30.01 -5.26
C GLN A 556 -16.34 -31.38 -5.62
N ASN A 557 -17.11 -32.23 -6.29
CA ASN A 557 -16.68 -33.61 -6.67
C ASN A 557 -16.81 -33.84 -8.17
N LEU A 558 -16.00 -34.75 -8.69
CA LEU A 558 -16.16 -35.28 -10.07
C LEU A 558 -17.56 -35.85 -10.21
N LEU A 559 -18.05 -35.98 -11.45
CA LEU A 559 -19.39 -36.57 -11.73
C LEU A 559 -19.52 -37.89 -10.97
N SER A 560 -20.58 -38.05 -10.18
CA SER A 560 -21.00 -39.36 -9.62
C SER A 560 -21.51 -40.25 -10.78
N GLN A 561 -21.72 -41.53 -10.52
CA GLN A 561 -22.27 -42.48 -11.52
C GLN A 561 -23.64 -42.00 -12.01
N ASN A 562 -24.52 -41.51 -11.13
CA ASN A 562 -25.88 -41.06 -11.52
C ASN A 562 -25.75 -39.81 -12.40
N GLU A 563 -24.97 -38.83 -11.97
CA GLU A 563 -24.73 -37.59 -12.76
C GLU A 563 -24.20 -37.98 -14.14
N ALA A 564 -23.14 -38.80 -14.24
CA ALA A 564 -22.54 -39.19 -15.54
C ALA A 564 -23.62 -39.78 -16.45
N GLN A 565 -24.39 -40.76 -15.95
CA GLN A 565 -25.47 -41.46 -16.68
C GLN A 565 -26.54 -40.46 -17.15
N SER A 566 -26.85 -39.43 -16.38
CA SER A 566 -27.88 -38.42 -16.75
C SER A 566 -27.37 -37.56 -17.91
N LEU A 567 -26.07 -37.55 -18.18
CA LEU A 567 -25.42 -36.72 -19.24
C LEU A 567 -24.98 -37.60 -20.42
N LEU A 568 -25.32 -38.90 -20.37
CA LEU A 568 -24.82 -39.89 -21.36
C LEU A 568 -25.14 -39.35 -22.76
N GLY A 569 -24.13 -39.31 -23.64
CA GLY A 569 -24.25 -38.87 -25.05
C GLY A 569 -23.99 -37.38 -25.29
N ASN A 570 -24.02 -36.55 -24.25
CA ASN A 570 -23.64 -35.11 -24.37
C ASN A 570 -22.21 -34.99 -24.90
N LYS A 571 -22.03 -34.05 -25.82
CA LYS A 571 -20.70 -33.72 -26.39
C LYS A 571 -20.41 -32.26 -26.07
N TYR A 572 -19.14 -31.94 -25.90
CA TYR A 572 -18.66 -30.63 -25.44
C TYR A 572 -17.37 -30.32 -26.18
N THR A 573 -17.08 -29.04 -26.32
CA THR A 573 -15.80 -28.54 -26.86
C THR A 573 -15.07 -27.87 -25.69
N ILE A 574 -13.92 -28.39 -25.29
CA ILE A 574 -13.24 -27.93 -24.06
C ILE A 574 -11.94 -27.20 -24.42
N LEU A 575 -11.49 -27.29 -25.65
CA LEU A 575 -10.27 -26.60 -26.07
C LEU A 575 -10.38 -26.31 -27.57
N THR A 576 -10.23 -25.04 -27.96
CA THR A 576 -10.14 -24.65 -29.38
C THR A 576 -8.81 -23.96 -29.60
N THR A 577 -8.24 -24.15 -30.77
CA THR A 577 -7.05 -23.42 -31.25
C THR A 577 -7.30 -22.94 -32.67
N THR A 578 -6.55 -21.95 -33.13
CA THR A 578 -6.53 -21.50 -34.53
C THR A 578 -5.34 -22.14 -35.26
N ASP A 579 -4.27 -22.52 -34.57
CA ASP A 579 -3.00 -23.02 -35.19
C ASP A 579 -2.70 -24.49 -34.82
N GLY A 580 -3.52 -25.14 -34.02
CA GLY A 580 -3.45 -26.60 -33.87
C GLY A 580 -3.17 -27.03 -32.45
N VAL A 581 -3.62 -28.26 -32.14
CA VAL A 581 -3.32 -28.99 -30.88
C VAL A 581 -2.21 -30.00 -31.14
N THR A 582 -1.13 -29.98 -30.37
CA THR A 582 -0.07 -31.02 -30.42
C THR A 582 -0.09 -31.85 -29.14
N GLY A 583 -0.08 -33.18 -29.30
CA GLY A 583 -0.01 -34.15 -28.18
C GLY A 583 -1.39 -34.43 -27.64
N ARG A 584 -1.47 -35.13 -26.51
CA ARG A 584 -2.74 -35.55 -25.90
C ARG A 584 -2.63 -35.43 -24.38
N PHE A 585 -3.77 -35.29 -23.72
CA PHE A 585 -3.89 -35.43 -22.26
C PHE A 585 -3.57 -36.87 -21.88
N GLU A 586 -3.08 -37.08 -20.66
CA GLU A 586 -2.77 -38.43 -20.15
C GLU A 586 -4.09 -39.18 -19.96
N ASN A 587 -5.09 -38.57 -19.34
CA ASN A 587 -6.36 -39.29 -19.04
C ASN A 587 -7.50 -38.31 -18.76
N ALA A 588 -8.71 -38.86 -18.67
CA ALA A 588 -9.88 -38.03 -18.37
C ALA A 588 -10.67 -38.73 -17.25
N ASN A 589 -11.01 -37.99 -16.20
CA ASN A 589 -11.72 -38.57 -15.03
C ASN A 589 -13.08 -37.88 -14.88
N PRO A 590 -14.16 -38.54 -14.40
CA PRO A 590 -14.09 -39.94 -13.92
C PRO A 590 -14.40 -41.03 -14.96
N SER A 591 -14.27 -42.30 -14.55
CA SER A 591 -14.56 -43.44 -15.46
C SER A 591 -15.26 -44.55 -14.67
N TYR A 592 -16.39 -45.04 -15.19
CA TYR A 592 -17.17 -46.09 -14.47
C TYR A 592 -17.34 -47.29 -15.41
N PRO A 593 -17.87 -48.42 -14.90
CA PRO A 593 -17.99 -49.63 -15.72
C PRO A 593 -18.80 -49.42 -17.00
N PHE A 594 -19.90 -48.67 -16.97
CA PHE A 594 -20.81 -48.52 -18.13
C PHE A 594 -20.88 -47.07 -18.63
N VAL A 595 -20.23 -46.10 -17.98
CA VAL A 595 -20.16 -44.70 -18.50
C VAL A 595 -18.79 -44.11 -18.19
N LYS A 596 -18.23 -43.35 -19.12
CA LYS A 596 -16.93 -42.69 -18.90
C LYS A 596 -16.91 -41.35 -19.63
N VAL A 597 -15.97 -40.49 -19.27
CA VAL A 597 -15.64 -39.28 -20.08
C VAL A 597 -14.65 -39.73 -21.13
N ALA A 598 -14.86 -39.30 -22.38
CA ALA A 598 -13.98 -39.62 -23.53
C ALA A 598 -13.50 -38.30 -24.13
N LEU A 599 -12.25 -38.30 -24.59
CA LEU A 599 -11.64 -37.14 -25.28
C LEU A 599 -11.60 -37.46 -26.77
N ASP A 600 -12.01 -36.50 -27.58
CA ASP A 600 -12.05 -36.55 -29.06
C ASP A 600 -11.11 -35.46 -29.59
N TYR A 601 -10.01 -35.84 -30.23
CA TYR A 601 -9.00 -34.92 -30.80
C TYR A 601 -9.29 -34.66 -32.28
N ARG A 602 -9.86 -33.51 -32.60
CA ARG A 602 -10.30 -33.16 -33.98
C ARG A 602 -9.29 -32.23 -34.69
N GLY A 603 -8.00 -32.35 -34.40
CA GLY A 603 -6.96 -31.57 -35.09
C GLY A 603 -6.73 -30.19 -34.47
N ASN A 604 -7.74 -29.31 -34.53
CA ASN A 604 -7.61 -27.92 -34.02
C ASN A 604 -8.35 -27.78 -32.69
N ASP A 605 -9.32 -28.66 -32.42
CA ASP A 605 -10.17 -28.63 -31.21
C ASP A 605 -10.02 -29.95 -30.45
N VAL A 606 -10.33 -29.91 -29.17
CA VAL A 606 -10.43 -31.14 -28.32
C VAL A 606 -11.86 -31.20 -27.79
N GLY A 607 -12.55 -32.29 -28.13
CA GLY A 607 -13.92 -32.58 -27.68
C GLY A 607 -13.91 -33.45 -26.44
N LEU A 608 -15.00 -33.42 -25.69
CA LEU A 608 -15.22 -34.31 -24.55
C LEU A 608 -16.64 -34.89 -24.68
N GLY A 609 -16.74 -36.22 -24.52
CA GLY A 609 -18.04 -36.92 -24.45
C GLY A 609 -18.22 -37.68 -23.16
N ILE A 610 -19.46 -37.70 -22.65
CA ILE A 610 -19.97 -38.70 -21.69
C ILE A 610 -20.50 -39.89 -22.51
N THR A 611 -19.72 -40.95 -22.64
CA THR A 611 -20.00 -42.08 -23.57
C THR A 611 -20.15 -43.39 -22.80
N ARG A 612 -20.65 -44.42 -23.50
CA ARG A 612 -20.64 -45.82 -23.04
C ARG A 612 -19.19 -46.34 -23.09
N THR A 613 -18.92 -47.51 -22.53
CA THR A 613 -17.55 -48.10 -22.40
C THR A 613 -17.34 -49.14 -23.50
N ASP A 614 -17.15 -48.66 -24.73
CA ASP A 614 -17.13 -49.41 -26.03
C ASP A 614 -18.34 -50.35 -26.16
N ALA A 615 -19.46 -50.04 -25.48
CA ALA A 615 -20.69 -50.86 -25.43
C ALA A 615 -21.88 -50.00 -25.03
C1 PEG B . 2.70 6.99 -12.62
O1 PEG B . 1.32 7.24 -12.47
C2 PEG B . 3.30 7.75 -13.76
O2 PEG B . 4.67 7.40 -13.88
C3 PEG B . 4.94 6.31 -14.76
C4 PEG B . 6.13 5.53 -14.27
O4 PEG B . 6.81 4.84 -15.30
C1 GOL C . 3.05 -2.56 22.29
O1 GOL C . 2.48 -2.78 20.99
C2 GOL C . 3.89 -1.28 22.39
O2 GOL C . 3.15 -0.26 23.06
C3 GOL C . 5.22 -1.44 23.10
O3 GOL C . 6.24 -1.99 22.26
C1 GOL D . -6.13 30.68 11.94
O1 GOL D . -5.81 30.78 10.55
C2 GOL D . -6.88 29.42 12.35
O2 GOL D . -6.34 28.87 13.54
C3 GOL D . -8.34 29.63 12.60
O3 GOL D . -8.98 28.38 12.84
C1 GOL E . 11.72 32.88 11.11
O1 GOL E . 13.11 32.76 11.41
C2 GOL E . 11.29 31.95 10.00
O2 GOL E . 11.79 30.64 10.26
C3 GOL E . 9.78 31.91 9.82
O3 GOL E . 9.39 31.24 8.63
I IOD F . 11.07 32.13 -5.51
I IOD G . -23.33 -42.71 -25.66
I IOD H . 16.55 16.88 -8.78
I IOD I . -21.97 -47.24 -14.13
I IOD J . -19.02 2.54 -2.58
I IOD K . 9.79 19.52 8.18
CA CA L . 3.97 14.26 -12.69
CA CA M . -13.51 14.54 15.96
CA CA N . -15.31 -23.54 -14.61
#